data_2OVX
#
_entry.id   2OVX
#
_cell.length_a   55.230
_cell.length_b   55.230
_cell.length_c   259.200
_cell.angle_alpha   90.00
_cell.angle_beta   90.00
_cell.angle_gamma   90.00
#
_symmetry.space_group_name_H-M   'P 41 21 2'
#
loop_
_entity.id
_entity.type
_entity.pdbx_description
1 polymer 'Matrix metalloproteinase-9 (EC 3.4.24.35) (MMP-9) (92 kDa type IV collagenase) (92 kDa gelatinase) (Gelatinase B) (GELB)'
2 non-polymer 'ZINC ION'
3 non-polymer 'CALCIUM ION'
4 non-polymer 'CHLORIDE ION'
5 non-polymer 5-(4-PHENOXYPHENYL)-5-(4-PYRIMIDIN-2-YLPIPERAZIN-1-YL)PYRIMIDINE-2,4,6(2H,3H)-TRIONE
6 water water
#
_entity_poly.entity_id   1
_entity_poly.type   'polypeptide(L)'
_entity_poly.pdbx_seq_one_letter_code
;FEGDLKWHHHNITYWIQNYSEDLPRAVIDDAFARAFALWSAVTPLTFTRVYSRDADIVIQFGVAEHGDGYPFDGKDGLLA
HAFPPGPGIQGDAHFDDDELWSLGKGQGYSLFLVAAHQFGHALGLDHSSVPEALMYPMYRFTEGPPLHKDDVNGIRHLY
;
_entity_poly.pdbx_strand_id   A,B
#
loop_
_chem_comp.id
_chem_comp.type
_chem_comp.name
_chem_comp.formula
4MR non-polymer 5-(4-PHENOXYPHENYL)-5-(4-PYRIMIDIN-2-YLPIPERAZIN-1-YL)PYRIMIDINE-2,4,6(2H,3H)-TRIONE 'C24 H22 N6 O4'
CA non-polymer 'CALCIUM ION' 'Ca 2'
CL non-polymer 'CHLORIDE ION' 'Cl -1'
ZN non-polymer 'ZINC ION' 'Zn 2'
#
# COMPACT_ATOMS: atom_id res chain seq x y z
N PHE A 1 8.47 20.91 -0.30
CA PHE A 1 8.52 19.80 -1.30
C PHE A 1 8.96 20.27 -2.68
N GLU A 2 9.84 21.26 -2.71
CA GLU A 2 10.35 21.80 -3.96
C GLU A 2 11.74 21.22 -4.18
N GLY A 3 12.09 20.96 -5.43
CA GLY A 3 13.40 20.40 -5.72
C GLY A 3 14.08 21.06 -6.90
N ASP A 4 15.30 20.62 -7.21
CA ASP A 4 16.05 21.18 -8.33
C ASP A 4 16.46 20.14 -9.37
N LEU A 5 15.97 18.91 -9.25
CA LEU A 5 16.31 17.86 -10.19
C LEU A 5 15.17 17.50 -11.12
N LYS A 6 15.51 17.06 -12.33
CA LYS A 6 14.52 16.64 -13.32
C LYS A 6 14.87 15.18 -13.62
N TRP A 7 13.94 14.45 -14.22
CA TRP A 7 14.22 13.06 -14.57
C TRP A 7 15.21 13.04 -15.73
N HIS A 8 16.22 12.17 -15.65
CA HIS A 8 17.19 12.09 -16.73
C HIS A 8 16.76 11.15 -17.85
N HIS A 9 15.53 10.66 -17.76
CA HIS A 9 14.98 9.78 -18.79
C HIS A 9 13.54 10.22 -19.04
N HIS A 10 13.01 9.90 -20.21
CA HIS A 10 11.65 10.30 -20.53
C HIS A 10 10.62 9.17 -20.50
N ASN A 11 11.08 7.92 -20.41
CA ASN A 11 10.14 6.79 -20.34
C ASN A 11 9.89 6.53 -18.86
N ILE A 12 9.00 7.33 -18.28
CA ILE A 12 8.65 7.25 -16.87
C ILE A 12 7.69 6.11 -16.55
N THR A 13 7.90 5.49 -15.39
CA THR A 13 7.06 4.38 -14.95
C THR A 13 6.36 4.72 -13.64
N TYR A 14 5.17 4.18 -13.44
CA TYR A 14 4.44 4.42 -12.20
C TYR A 14 3.78 3.15 -11.72
N TRP A 15 3.65 3.04 -10.40
CA TRP A 15 3.04 1.90 -9.76
C TRP A 15 1.94 2.36 -8.78
N ILE A 16 0.73 1.89 -9.00
CA ILE A 16 -0.39 2.22 -8.11
C ILE A 16 -0.30 1.22 -6.97
N GLN A 17 0.33 1.63 -5.88
CA GLN A 17 0.52 0.76 -4.73
C GLN A 17 -0.80 0.31 -4.09
N ASN A 18 -1.65 1.27 -3.76
CA ASN A 18 -2.95 0.95 -3.17
C ASN A 18 -4.02 1.91 -3.64
N TYR A 19 -5.24 1.71 -3.13
CA TYR A 19 -6.36 2.54 -3.56
C TYR A 19 -7.19 3.19 -2.46
N SER A 20 -8.03 4.12 -2.88
CA SER A 20 -8.94 4.82 -1.99
C SER A 20 -10.24 4.04 -2.01
N GLU A 21 -10.97 4.07 -0.90
CA GLU A 21 -12.23 3.36 -0.81
C GLU A 21 -13.39 4.15 -1.44
N ASP A 22 -13.09 5.36 -1.94
CA ASP A 22 -14.14 6.20 -2.51
C ASP A 22 -14.52 5.92 -3.95
N LEU A 23 -13.61 5.31 -4.70
CA LEU A 23 -13.84 5.03 -6.11
C LEU A 23 -13.44 3.63 -6.54
N PRO A 24 -14.12 3.08 -7.56
CA PRO A 24 -13.78 1.75 -8.04
C PRO A 24 -12.35 1.77 -8.54
N ARG A 25 -11.66 0.63 -8.47
CA ARG A 25 -10.28 0.58 -8.92
C ARG A 25 -10.14 0.97 -10.39
N ALA A 26 -11.12 0.59 -11.20
CA ALA A 26 -11.07 0.90 -12.62
C ALA A 26 -11.15 2.41 -12.84
N VAL A 27 -11.94 3.10 -12.02
CA VAL A 27 -12.06 4.54 -12.17
C VAL A 27 -10.77 5.22 -11.74
N ILE A 28 -10.16 4.71 -10.67
CA ILE A 28 -8.89 5.24 -10.16
C ILE A 28 -7.80 5.08 -11.22
N ASP A 29 -7.65 3.85 -11.71
CA ASP A 29 -6.63 3.53 -12.71
C ASP A 29 -6.75 4.49 -13.88
N ASP A 30 -7.98 4.68 -14.33
CA ASP A 30 -8.27 5.55 -15.47
C ASP A 30 -8.00 7.01 -15.20
N ALA A 31 -8.33 7.48 -13.99
CA ALA A 31 -8.10 8.87 -13.64
C ALA A 31 -6.60 9.17 -13.66
N PHE A 32 -5.80 8.27 -13.10
CA PHE A 32 -4.35 8.45 -13.07
C PHE A 32 -3.79 8.39 -14.49
N ALA A 33 -4.28 7.44 -15.28
CA ALA A 33 -3.81 7.30 -16.64
C ALA A 33 -4.10 8.58 -17.42
N ARG A 34 -5.30 9.12 -17.24
CA ARG A 34 -5.70 10.34 -17.94
C ARG A 34 -4.91 11.55 -17.47
N ALA A 35 -4.56 11.56 -16.19
CA ALA A 35 -3.79 12.67 -15.62
C ALA A 35 -2.39 12.69 -16.25
N PHE A 36 -1.76 11.52 -16.33
CA PHE A 36 -0.43 11.44 -16.93
C PHE A 36 -0.50 11.84 -18.41
N ALA A 37 -1.56 11.39 -19.09
CA ALA A 37 -1.76 11.68 -20.51
C ALA A 37 -1.71 13.18 -20.81
N LEU A 38 -2.15 13.99 -19.86
CA LEU A 38 -2.13 15.44 -20.03
C LEU A 38 -0.71 15.94 -20.28
N TRP A 39 0.23 15.41 -19.50
CA TRP A 39 1.63 15.80 -19.59
C TRP A 39 2.37 15.19 -20.78
N SER A 40 2.05 13.94 -21.10
CA SER A 40 2.69 13.25 -22.22
C SER A 40 2.14 13.81 -23.53
N ALA A 41 1.01 14.47 -23.47
CA ALA A 41 0.41 15.04 -24.67
C ALA A 41 1.18 16.26 -25.20
N VAL A 42 1.91 16.93 -24.31
CA VAL A 42 2.66 18.13 -24.71
C VAL A 42 4.17 18.02 -24.54
N THR A 43 4.68 16.81 -24.37
CA THR A 43 6.11 16.58 -24.19
C THR A 43 6.47 15.22 -24.75
N PRO A 44 7.76 14.90 -24.84
CA PRO A 44 8.17 13.59 -25.36
C PRO A 44 8.18 12.54 -24.23
N LEU A 45 7.57 12.87 -23.11
CA LEU A 45 7.51 11.96 -21.97
C LEU A 45 6.45 10.89 -22.21
N THR A 46 6.69 9.70 -21.68
CA THR A 46 5.72 8.62 -21.79
C THR A 46 5.54 8.12 -20.36
N PHE A 47 4.39 7.54 -20.07
CA PHE A 47 4.11 7.02 -18.73
C PHE A 47 3.57 5.60 -18.87
N THR A 48 4.30 4.66 -18.31
CA THR A 48 3.95 3.26 -18.37
C THR A 48 3.66 2.71 -16.98
N ARG A 49 2.49 2.10 -16.82
CA ARG A 49 2.12 1.52 -15.53
C ARG A 49 2.88 0.22 -15.33
N VAL A 50 3.49 0.06 -14.15
CA VAL A 50 4.21 -1.17 -13.84
C VAL A 50 3.71 -1.66 -12.49
N TYR A 51 4.12 -2.86 -12.13
CA TYR A 51 3.72 -3.44 -10.87
C TYR A 51 4.97 -3.84 -10.12
N SER A 52 5.74 -2.84 -9.73
CA SER A 52 7.00 -3.04 -9.02
C SER A 52 7.37 -1.78 -8.24
N ARG A 53 8.01 -1.96 -7.10
CA ARG A 53 8.42 -0.84 -6.28
C ARG A 53 9.56 -0.08 -6.94
N ASP A 54 10.00 -0.55 -8.11
CA ASP A 54 11.08 0.10 -8.85
C ASP A 54 10.56 1.19 -9.79
N ALA A 55 9.26 1.42 -9.80
CA ALA A 55 8.70 2.45 -10.65
C ALA A 55 9.24 3.81 -10.22
N ASP A 56 9.27 4.76 -11.14
CA ASP A 56 9.75 6.10 -10.81
C ASP A 56 8.76 6.79 -9.88
N ILE A 57 7.49 6.69 -10.22
CA ILE A 57 6.43 7.31 -9.45
C ILE A 57 5.54 6.28 -8.76
N VAL A 58 5.73 6.11 -7.46
CA VAL A 58 4.92 5.18 -6.69
C VAL A 58 3.74 5.96 -6.15
N ILE A 59 2.54 5.49 -6.45
CA ILE A 59 1.32 6.15 -6.02
C ILE A 59 0.68 5.43 -4.83
N GLN A 60 0.36 6.18 -3.78
CA GLN A 60 -0.29 5.58 -2.63
C GLN A 60 -1.28 6.52 -1.98
N PHE A 61 -2.30 5.93 -1.35
CA PHE A 61 -3.31 6.69 -0.64
C PHE A 61 -3.02 6.42 0.83
N GLY A 62 -3.00 7.47 1.64
CA GLY A 62 -2.73 7.30 3.06
C GLY A 62 -3.53 8.26 3.92
N VAL A 63 -3.47 8.06 5.24
CA VAL A 63 -4.16 8.94 6.18
C VAL A 63 -3.21 9.30 7.31
N ALA A 64 -3.30 10.55 7.76
CA ALA A 64 -2.43 11.05 8.84
C ALA A 64 -0.99 10.63 8.57
N GLU A 65 -0.31 10.12 9.60
CA GLU A 65 1.07 9.69 9.45
C GLU A 65 1.14 8.43 8.60
N HIS A 66 1.94 8.46 7.55
CA HIS A 66 2.05 7.32 6.65
C HIS A 66 3.46 6.98 6.15
N GLY A 67 4.47 7.14 7.00
CA GLY A 67 5.82 6.80 6.56
C GLY A 67 6.82 7.95 6.54
N ASP A 68 6.60 8.91 5.65
CA ASP A 68 7.48 10.06 5.55
C ASP A 68 7.12 11.01 6.69
N GLY A 69 7.97 12.00 6.95
CA GLY A 69 7.70 12.91 8.05
C GLY A 69 6.68 14.00 7.75
N TYR A 70 5.74 13.73 6.85
CA TYR A 70 4.73 14.71 6.49
C TYR A 70 3.33 14.11 6.49
N PRO A 71 2.78 13.86 7.68
CA PRO A 71 1.45 13.28 7.84
C PRO A 71 0.35 14.16 7.27
N PHE A 72 -0.74 13.55 6.84
CA PHE A 72 -1.85 14.32 6.30
C PHE A 72 -2.66 14.89 7.45
N ASP A 73 -3.63 15.75 7.14
CA ASP A 73 -4.40 16.45 8.15
C ASP A 73 -5.91 16.18 8.19
N GLY A 74 -6.34 15.01 7.77
CA GLY A 74 -7.76 14.72 7.78
C GLY A 74 -8.47 15.46 6.67
N LYS A 75 -9.80 15.51 6.76
CA LYS A 75 -10.65 16.15 5.76
C LYS A 75 -10.17 17.56 5.39
N ASP A 76 -10.16 17.84 4.08
CA ASP A 76 -9.74 19.14 3.56
C ASP A 76 -8.30 19.52 3.88
N GLY A 77 -7.99 20.81 3.71
CA GLY A 77 -6.63 21.25 3.97
C GLY A 77 -5.71 20.63 2.95
N LEU A 78 -4.61 20.02 3.40
CA LEU A 78 -3.67 19.36 2.51
C LEU A 78 -4.41 18.21 1.83
N LEU A 79 -4.41 18.20 0.49
CA LEU A 79 -5.11 17.18 -0.27
C LEU A 79 -4.19 16.02 -0.64
N ALA A 80 -2.91 16.32 -0.80
CA ALA A 80 -1.92 15.34 -1.18
C ALA A 80 -0.57 16.03 -1.30
N HIS A 81 0.45 15.26 -1.66
CA HIS A 81 1.78 15.82 -1.88
C HIS A 81 2.60 14.87 -2.71
N ALA A 82 3.57 15.41 -3.44
CA ALA A 82 4.41 14.58 -4.28
C ALA A 82 5.84 15.07 -4.22
N PHE A 83 6.78 14.12 -4.19
CA PHE A 83 8.19 14.47 -4.11
C PHE A 83 8.78 14.70 -5.50
N PRO A 84 9.63 15.72 -5.64
CA PRO A 84 10.27 16.04 -6.92
C PRO A 84 11.16 14.89 -7.39
N PRO A 85 11.54 14.88 -8.68
CA PRO A 85 12.37 13.84 -9.27
C PRO A 85 13.58 13.42 -8.42
N GLY A 86 13.91 12.14 -8.50
CA GLY A 86 15.03 11.61 -7.75
C GLY A 86 14.82 10.13 -7.45
N PRO A 87 15.77 9.47 -6.75
CA PRO A 87 15.63 8.06 -6.42
C PRO A 87 14.81 7.85 -5.15
N GLY A 88 14.40 6.61 -4.92
CA GLY A 88 13.62 6.29 -3.73
C GLY A 88 12.26 6.96 -3.69
N ILE A 89 11.95 7.57 -2.55
CA ILE A 89 10.66 8.24 -2.38
C ILE A 89 10.51 9.44 -3.30
N GLN A 90 11.63 9.96 -3.80
CA GLN A 90 11.57 11.10 -4.70
C GLN A 90 10.70 10.72 -5.90
N GLY A 91 9.87 11.64 -6.34
CA GLY A 91 9.00 11.36 -7.47
C GLY A 91 7.68 10.70 -7.10
N ASP A 92 7.54 10.22 -5.86
CA ASP A 92 6.31 9.55 -5.43
C ASP A 92 5.17 10.51 -5.15
N ALA A 93 3.94 10.03 -5.31
CA ALA A 93 2.76 10.83 -5.08
C ALA A 93 1.83 10.20 -4.05
N HIS A 94 1.53 10.95 -3.00
CA HIS A 94 0.68 10.47 -1.91
C HIS A 94 -0.61 11.26 -1.83
N PHE A 95 -1.73 10.53 -1.74
CA PHE A 95 -3.03 11.16 -1.66
C PHE A 95 -3.70 10.92 -0.30
N ASP A 96 -4.21 12.00 0.30
CA ASP A 96 -4.87 11.94 1.60
C ASP A 96 -6.24 11.30 1.50
N ASP A 97 -6.34 10.04 1.92
CA ASP A 97 -7.62 9.35 1.80
C ASP A 97 -8.69 9.78 2.80
N ASP A 98 -8.39 10.80 3.60
CA ASP A 98 -9.40 11.32 4.51
C ASP A 98 -10.25 12.30 3.69
N GLU A 99 -9.82 12.58 2.46
CA GLU A 99 -10.58 13.46 1.58
C GLU A 99 -11.67 12.61 0.93
N LEU A 100 -12.69 13.26 0.39
CA LEU A 100 -13.75 12.55 -0.32
C LEU A 100 -13.33 12.62 -1.80
N TRP A 101 -12.77 11.53 -2.31
CA TRP A 101 -12.33 11.51 -3.69
C TRP A 101 -13.45 11.23 -4.66
N SER A 102 -13.58 12.10 -5.66
CA SER A 102 -14.62 11.96 -6.67
C SER A 102 -14.08 12.43 -8.02
N LEU A 103 -14.98 12.88 -8.89
CA LEU A 103 -14.61 13.38 -10.21
C LEU A 103 -15.72 14.34 -10.65
N GLY A 104 -15.40 15.22 -11.58
CA GLY A 104 -16.39 16.17 -12.08
C GLY A 104 -16.96 17.13 -11.05
N LYS A 105 -18.04 17.81 -11.43
CA LYS A 105 -18.70 18.77 -10.54
C LYS A 105 -19.22 17.99 -9.32
N GLY A 106 -19.49 18.71 -8.24
CA GLY A 106 -20.00 18.06 -7.04
C GLY A 106 -19.08 18.12 -5.84
N GLN A 107 -19.55 17.64 -4.70
CA GLN A 107 -18.73 17.64 -3.49
C GLN A 107 -17.56 16.68 -3.62
N GLY A 108 -16.60 16.83 -2.72
CA GLY A 108 -15.42 16.00 -2.78
C GLY A 108 -14.43 16.66 -3.72
N TYR A 109 -13.28 16.02 -3.91
CA TYR A 109 -12.25 16.57 -4.79
C TYR A 109 -12.02 15.66 -5.99
N SER A 110 -11.78 16.26 -7.15
CA SER A 110 -11.52 15.46 -8.35
C SER A 110 -10.17 14.80 -8.27
N LEU A 111 -10.16 13.47 -8.24
CA LEU A 111 -8.91 12.74 -8.18
C LEU A 111 -8.11 13.02 -9.46
N PHE A 112 -8.84 13.20 -10.55
CA PHE A 112 -8.22 13.47 -11.85
C PHE A 112 -7.39 14.76 -11.84
N LEU A 113 -8.02 15.87 -11.45
CA LEU A 113 -7.32 17.16 -11.40
C LEU A 113 -6.22 17.20 -10.35
N VAL A 114 -6.50 16.69 -9.16
CA VAL A 114 -5.49 16.70 -8.10
C VAL A 114 -4.29 15.85 -8.53
N ALA A 115 -4.54 14.69 -9.11
CA ALA A 115 -3.44 13.82 -9.55
C ALA A 115 -2.63 14.55 -10.62
N ALA A 116 -3.30 15.16 -11.58
CA ALA A 116 -2.61 15.88 -12.64
C ALA A 116 -1.65 16.91 -12.04
N HIS A 117 -2.12 17.61 -11.01
CA HIS A 117 -1.30 18.63 -10.32
C HIS A 117 -0.12 17.96 -9.62
N GLN A 118 -0.40 16.90 -8.87
CA GLN A 118 0.65 16.17 -8.15
C GLN A 118 1.70 15.59 -9.09
N PHE A 119 1.26 15.11 -10.27
CA PHE A 119 2.22 14.55 -11.21
C PHE A 119 3.10 15.67 -11.77
N GLY A 120 2.57 16.89 -11.76
CA GLY A 120 3.35 18.03 -12.22
C GLY A 120 4.52 18.15 -11.24
N HIS A 121 4.21 18.08 -9.94
CA HIS A 121 5.23 18.14 -8.91
C HIS A 121 6.21 16.97 -9.06
N ALA A 122 5.68 15.77 -9.25
CA ALA A 122 6.51 14.58 -9.41
C ALA A 122 7.45 14.68 -10.61
N LEU A 123 7.15 15.57 -11.53
CA LEU A 123 7.97 15.78 -12.71
C LEU A 123 8.96 16.94 -12.53
N GLY A 124 8.85 17.63 -11.40
CA GLY A 124 9.75 18.74 -11.14
C GLY A 124 9.19 20.14 -11.24
N LEU A 125 7.91 20.27 -11.57
CA LEU A 125 7.30 21.60 -11.67
C LEU A 125 6.99 22.17 -10.29
N ASP A 126 7.15 23.49 -10.15
CA ASP A 126 6.82 24.14 -8.91
C ASP A 126 5.46 24.79 -9.15
N HIS A 127 4.92 25.42 -8.11
CA HIS A 127 3.64 26.08 -8.25
C HIS A 127 3.69 27.22 -9.25
N SER A 128 2.54 27.50 -9.85
CA SER A 128 2.44 28.59 -10.82
C SER A 128 1.80 29.78 -10.15
N SER A 129 2.12 30.97 -10.64
CA SER A 129 1.55 32.20 -10.10
C SER A 129 0.28 32.57 -10.87
N VAL A 130 -0.01 31.81 -11.94
CA VAL A 130 -1.19 32.05 -12.76
C VAL A 130 -2.42 31.35 -12.16
N PRO A 131 -3.43 32.12 -11.74
CA PRO A 131 -4.67 31.58 -11.13
C PRO A 131 -5.41 30.54 -11.95
N GLU A 132 -5.30 30.62 -13.27
CA GLU A 132 -5.98 29.69 -14.14
C GLU A 132 -5.16 28.44 -14.51
N ALA A 133 -3.91 28.37 -14.04
CA ALA A 133 -3.06 27.23 -14.35
C ALA A 133 -3.30 26.04 -13.43
N LEU A 134 -3.01 24.84 -13.91
CA LEU A 134 -3.18 23.63 -13.11
C LEU A 134 -2.22 23.62 -11.93
N MET A 135 -1.03 24.20 -12.10
CA MET A 135 -0.05 24.22 -11.02
C MET A 135 -0.27 25.32 -9.98
N TYR A 136 -1.41 26.00 -10.05
CA TYR A 136 -1.74 27.05 -9.08
C TYR A 136 -2.17 26.29 -7.81
N PRO A 137 -1.56 26.61 -6.65
CA PRO A 137 -1.85 25.96 -5.37
C PRO A 137 -3.21 26.26 -4.74
N MET A 138 -4.28 25.97 -5.46
CA MET A 138 -5.63 26.21 -4.97
C MET A 138 -6.62 25.35 -5.73
N TYR A 139 -7.35 24.50 -5.02
CA TYR A 139 -8.32 23.64 -5.69
C TYR A 139 -9.59 24.36 -6.10
N ARG A 140 -9.92 24.27 -7.38
CA ARG A 140 -11.12 24.88 -7.91
C ARG A 140 -11.51 24.01 -9.10
N PHE A 141 -12.73 23.50 -9.10
CA PHE A 141 -13.13 22.69 -10.23
C PHE A 141 -13.69 23.55 -11.34
N THR A 142 -13.23 23.30 -12.56
CA THR A 142 -13.72 24.03 -13.73
C THR A 142 -13.61 23.08 -14.91
N GLU A 143 -14.44 23.30 -15.92
CA GLU A 143 -14.44 22.48 -17.11
C GLU A 143 -13.36 23.03 -18.04
N GLY A 144 -13.04 22.28 -19.09
CA GLY A 144 -12.03 22.73 -20.03
C GLY A 144 -10.70 22.03 -19.84
N PRO A 145 -9.80 22.13 -20.83
CA PRO A 145 -8.47 21.49 -20.77
C PRO A 145 -7.79 21.86 -19.46
N PRO A 146 -7.30 20.86 -18.72
CA PRO A 146 -6.63 21.16 -17.45
C PRO A 146 -5.36 22.00 -17.58
N LEU A 147 -4.57 21.74 -18.62
CA LEU A 147 -3.31 22.48 -18.78
C LEU A 147 -3.45 23.87 -19.36
N HIS A 148 -2.89 24.85 -18.66
CA HIS A 148 -2.90 26.24 -19.09
C HIS A 148 -1.58 26.43 -19.85
N LYS A 149 -1.50 27.44 -20.71
CA LYS A 149 -0.27 27.69 -21.47
C LYS A 149 0.93 27.74 -20.53
N ASP A 150 0.72 28.27 -19.33
CA ASP A 150 1.79 28.37 -18.36
C ASP A 150 2.29 27.00 -17.93
N ASP A 151 1.36 26.04 -17.78
CA ASP A 151 1.72 24.67 -17.39
C ASP A 151 2.52 24.03 -18.52
N VAL A 152 2.03 24.19 -19.74
CA VAL A 152 2.66 23.63 -20.93
C VAL A 152 4.06 24.21 -21.10
N ASN A 153 4.19 25.54 -20.97
CA ASN A 153 5.48 26.21 -21.08
C ASN A 153 6.41 25.66 -20.01
N GLY A 154 5.88 25.58 -18.79
CA GLY A 154 6.68 25.07 -17.69
C GLY A 154 7.21 23.66 -17.88
N ILE A 155 6.34 22.72 -18.27
CA ILE A 155 6.78 21.34 -18.43
C ILE A 155 7.72 21.17 -19.63
N ARG A 156 7.49 21.91 -20.70
CA ARG A 156 8.35 21.83 -21.86
C ARG A 156 9.74 22.41 -21.56
N HIS A 157 9.80 23.40 -20.68
CA HIS A 157 11.07 24.01 -20.33
C HIS A 157 11.97 22.97 -19.67
N LEU A 158 11.34 21.95 -19.08
CA LEU A 158 12.07 20.88 -18.42
C LEU A 158 12.32 19.68 -19.33
N TYR A 159 11.33 19.31 -20.12
CA TYR A 159 11.46 18.15 -21.00
C TYR A 159 11.19 18.38 -22.48
N PHE B 1 11.05 -24.98 10.90
CA PHE B 1 11.96 -24.80 9.73
C PHE B 1 13.37 -25.25 10.06
N GLU B 2 14.09 -25.70 9.04
CA GLU B 2 15.46 -26.20 9.21
C GLU B 2 16.37 -25.21 9.94
N GLY B 3 17.15 -25.74 10.88
CA GLY B 3 18.07 -24.93 11.65
C GLY B 3 17.40 -23.83 12.46
N ASP B 4 16.13 -24.05 12.80
CA ASP B 4 15.36 -23.07 13.57
C ASP B 4 15.50 -21.67 12.97
N LEU B 5 15.16 -21.53 11.70
CA LEU B 5 15.25 -20.24 11.01
C LEU B 5 14.42 -19.21 11.78
N LYS B 6 15.00 -18.06 12.04
CA LYS B 6 14.29 -17.00 12.77
C LYS B 6 14.96 -15.64 12.57
N TRP B 7 14.28 -14.59 13.03
CA TRP B 7 14.84 -13.24 12.92
C TRP B 7 15.94 -13.10 13.96
N HIS B 8 16.97 -12.33 13.63
CA HIS B 8 18.07 -12.12 14.55
C HIS B 8 17.92 -10.81 15.31
N HIS B 9 16.71 -10.30 15.34
CA HIS B 9 16.38 -9.07 16.06
C HIS B 9 14.95 -9.23 16.56
N HIS B 10 14.61 -8.54 17.64
CA HIS B 10 13.28 -8.64 18.23
C HIS B 10 12.33 -7.52 17.86
N ASN B 11 12.86 -6.37 17.45
CA ASN B 11 12.01 -5.23 17.08
C ASN B 11 11.60 -5.33 15.61
N ILE B 12 10.71 -6.28 15.35
CA ILE B 12 10.20 -6.56 14.01
C ILE B 12 9.33 -5.44 13.45
N THR B 13 9.41 -5.23 12.15
CA THR B 13 8.63 -4.19 11.49
C THR B 13 7.77 -4.80 10.38
N TYR B 14 6.61 -4.20 10.12
CA TYR B 14 5.73 -4.68 9.07
C TYR B 14 5.15 -3.55 8.24
N TRP B 15 4.84 -3.86 6.99
CA TRP B 15 4.29 -2.89 6.05
C TRP B 15 2.98 -3.41 5.44
N ILE B 16 1.88 -2.69 5.68
CA ILE B 16 0.61 -3.08 5.10
C ILE B 16 0.63 -2.37 3.74
N GLN B 17 1.14 -3.08 2.73
CA GLN B 17 1.26 -2.52 1.40
C GLN B 17 -0.05 -2.12 0.75
N ASN B 18 -1.06 -2.98 0.88
CA ASN B 18 -2.35 -2.68 0.28
C ASN B 18 -3.51 -3.30 1.07
N TYR B 19 -4.71 -3.21 0.54
CA TYR B 19 -5.87 -3.72 1.25
C TYR B 19 -6.84 -4.54 0.42
N SER B 20 -7.82 -5.11 1.11
CA SER B 20 -8.85 -5.89 0.45
C SER B 20 -10.11 -5.03 0.41
N GLU B 21 -10.87 -5.14 -0.67
CA GLU B 21 -12.11 -4.37 -0.80
C GLU B 21 -13.20 -4.95 0.09
N ASP B 22 -12.90 -6.05 0.77
CA ASP B 22 -13.87 -6.69 1.66
C ASP B 22 -13.98 -6.01 3.01
N LEU B 23 -12.96 -5.24 3.39
CA LEU B 23 -12.94 -4.57 4.68
C LEU B 23 -12.36 -3.16 4.63
N PRO B 24 -12.80 -2.29 5.56
CA PRO B 24 -12.31 -0.91 5.61
C PRO B 24 -10.85 -0.93 6.05
N ARG B 25 -10.09 0.11 5.67
CA ARG B 25 -8.69 0.20 6.01
C ARG B 25 -8.46 0.10 7.53
N ALA B 26 -9.27 0.82 8.30
CA ALA B 26 -9.14 0.81 9.76
C ALA B 26 -9.36 -0.59 10.35
N VAL B 27 -10.26 -1.36 9.75
CA VAL B 27 -10.54 -2.71 10.24
C VAL B 27 -9.34 -3.60 9.95
N ILE B 28 -8.76 -3.44 8.75
CA ILE B 28 -7.60 -4.22 8.32
C ILE B 28 -6.38 -3.93 9.19
N ASP B 29 -6.06 -2.65 9.34
CA ASP B 29 -4.91 -2.26 10.15
C ASP B 29 -5.01 -2.88 11.54
N ASP B 30 -6.19 -2.75 12.16
CA ASP B 30 -6.42 -3.27 13.50
C ASP B 30 -6.34 -4.79 13.55
N ALA B 31 -6.88 -5.45 12.55
CA ALA B 31 -6.85 -6.91 12.52
C ALA B 31 -5.41 -7.40 12.55
N PHE B 32 -4.56 -6.81 11.71
CA PHE B 32 -3.16 -7.21 11.67
C PHE B 32 -2.45 -6.86 12.98
N ALA B 33 -2.74 -5.69 13.54
CA ALA B 33 -2.10 -5.29 14.80
C ALA B 33 -2.44 -6.29 15.90
N ARG B 34 -3.71 -6.68 15.98
CA ARG B 34 -4.14 -7.63 17.00
C ARG B 34 -3.51 -8.99 16.76
N ALA B 35 -3.40 -9.39 15.50
CA ALA B 35 -2.79 -10.67 15.18
C ALA B 35 -1.33 -10.67 15.65
N PHE B 36 -0.64 -9.56 15.45
CA PHE B 36 0.77 -9.47 15.88
C PHE B 36 0.85 -9.46 17.41
N ALA B 37 -0.11 -8.79 18.04
CA ALA B 37 -0.14 -8.67 19.49
C ALA B 37 -0.18 -10.05 20.16
N LEU B 38 -0.79 -11.01 19.48
CA LEU B 38 -0.88 -12.36 20.03
C LEU B 38 0.52 -12.92 20.26
N TRP B 39 1.40 -12.72 19.29
CA TRP B 39 2.77 -13.21 19.39
C TRP B 39 3.66 -12.37 20.31
N SER B 40 3.49 -11.06 20.28
CA SER B 40 4.29 -10.21 21.15
C SER B 40 3.85 -10.38 22.60
N ALA B 41 2.65 -10.92 22.81
CA ALA B 41 2.14 -11.11 24.15
C ALA B 41 2.91 -12.17 24.94
N VAL B 42 3.48 -13.13 24.24
CA VAL B 42 4.23 -14.20 24.91
C VAL B 42 5.71 -14.31 24.55
N THR B 43 6.29 -13.24 24.02
CA THR B 43 7.71 -13.19 23.65
C THR B 43 8.25 -11.77 23.79
N PRO B 44 9.57 -11.61 23.74
CA PRO B 44 10.13 -10.27 23.86
C PRO B 44 10.03 -9.53 22.52
N LEU B 45 9.33 -10.14 21.57
CA LEU B 45 9.17 -9.54 20.24
C LEU B 45 8.24 -8.33 20.30
N THR B 46 8.50 -7.35 19.44
CA THR B 46 7.64 -6.18 19.33
C THR B 46 7.40 -6.00 17.84
N PHE B 47 6.28 -5.40 17.50
CA PHE B 47 5.94 -5.20 16.09
C PHE B 47 5.62 -3.73 15.83
N THR B 48 6.40 -3.14 14.92
CA THR B 48 6.22 -1.73 14.59
C THR B 48 5.81 -1.58 13.14
N ARG B 49 4.77 -0.77 12.93
CA ARG B 49 4.29 -0.56 11.58
C ARG B 49 5.13 0.48 10.87
N VAL B 50 5.57 0.15 9.66
CA VAL B 50 6.36 1.09 8.87
C VAL B 50 5.65 1.18 7.53
N TYR B 51 6.23 1.90 6.57
CA TYR B 51 5.56 2.04 5.30
C TYR B 51 6.43 1.87 4.05
N SER B 52 7.42 0.98 4.13
CA SER B 52 8.31 0.74 2.99
C SER B 52 8.84 -0.69 2.96
N ARG B 53 9.51 -1.02 1.86
CA ARG B 53 10.10 -2.35 1.65
C ARG B 53 11.09 -2.70 2.75
N ASP B 54 11.48 -1.69 3.52
CA ASP B 54 12.43 -1.86 4.63
C ASP B 54 11.91 -2.81 5.69
N ALA B 55 10.57 -2.92 5.77
CA ALA B 55 9.93 -3.79 6.76
C ALA B 55 10.39 -5.24 6.64
N ASP B 56 10.35 -5.95 7.75
CA ASP B 56 10.72 -7.36 7.75
C ASP B 56 9.55 -8.12 7.12
N ILE B 57 8.35 -7.80 7.57
CA ILE B 57 7.15 -8.45 7.08
C ILE B 57 6.30 -7.53 6.22
N VAL B 58 6.34 -7.74 4.91
CA VAL B 58 5.54 -6.94 4.00
C VAL B 58 4.23 -7.68 3.79
N ILE B 59 3.13 -7.02 4.13
CA ILE B 59 1.81 -7.62 4.00
C ILE B 59 1.17 -7.15 2.70
N GLN B 60 0.57 -8.08 1.98
CA GLN B 60 -0.03 -7.74 0.70
C GLN B 60 -1.21 -8.64 0.33
N PHE B 61 -2.23 -8.04 -0.26
CA PHE B 61 -3.39 -8.78 -0.71
C PHE B 61 -3.20 -8.92 -2.21
N GLY B 62 -3.53 -10.07 -2.75
CA GLY B 62 -3.38 -10.28 -4.19
C GLY B 62 -4.34 -11.32 -4.72
N VAL B 63 -4.53 -11.33 -6.04
CA VAL B 63 -5.38 -12.31 -6.69
C VAL B 63 -4.58 -12.91 -7.83
N ALA B 64 -4.62 -14.23 -7.98
CA ALA B 64 -3.87 -14.91 -9.02
C ALA B 64 -2.41 -14.47 -8.99
N GLU B 65 -1.88 -14.02 -10.13
CA GLU B 65 -0.49 -13.59 -10.17
C GLU B 65 -0.35 -12.25 -9.45
N HIS B 66 0.54 -12.19 -8.48
CA HIS B 66 0.71 -10.94 -7.72
C HIS B 66 2.17 -10.51 -7.50
N GLY B 67 3.06 -10.86 -8.43
CA GLY B 67 4.44 -10.43 -8.30
C GLY B 67 5.51 -11.47 -8.03
N ASP B 68 5.32 -12.31 -7.03
CA ASP B 68 6.31 -13.33 -6.72
C ASP B 68 6.02 -14.49 -7.66
N GLY B 69 6.72 -15.60 -7.53
CA GLY B 69 6.44 -16.70 -8.43
C GLY B 69 5.35 -17.64 -7.97
N TYR B 70 4.50 -17.19 -7.04
CA TYR B 70 3.44 -18.04 -6.51
C TYR B 70 2.03 -17.45 -6.58
N PRO B 71 1.38 -17.59 -7.74
CA PRO B 71 0.03 -17.06 -7.95
C PRO B 71 -0.97 -17.72 -7.00
N PHE B 72 -1.98 -16.96 -6.58
CA PHE B 72 -2.99 -17.53 -5.73
C PHE B 72 -3.94 -18.29 -6.65
N ASP B 73 -4.79 -19.13 -6.07
CA ASP B 73 -5.68 -19.99 -6.83
C ASP B 73 -7.18 -19.71 -6.83
N GLY B 74 -7.58 -18.45 -6.67
CA GLY B 74 -8.99 -18.17 -6.66
C GLY B 74 -9.70 -18.60 -5.39
N LYS B 75 -11.03 -18.59 -5.43
CA LYS B 75 -11.87 -18.95 -4.31
C LYS B 75 -11.45 -20.26 -3.63
N ASP B 76 -11.28 -20.20 -2.31
CA ASP B 76 -10.88 -21.35 -1.53
C ASP B 76 -9.50 -21.89 -1.91
N GLY B 77 -9.23 -23.14 -1.57
CA GLY B 77 -7.91 -23.70 -1.86
C GLY B 77 -6.98 -23.02 -0.86
N LEU B 78 -5.84 -22.53 -1.32
CA LEU B 78 -4.92 -21.81 -0.43
C LEU B 78 -5.54 -20.45 -0.11
N LEU B 79 -5.46 -20.05 1.16
CA LEU B 79 -6.03 -18.76 1.60
C LEU B 79 -4.98 -17.67 1.63
N ALA B 80 -3.73 -18.07 1.76
CA ALA B 80 -2.63 -17.12 1.84
C ALA B 80 -1.33 -17.90 1.97
N HIS B 81 -0.21 -17.18 1.97
CA HIS B 81 1.07 -17.83 2.13
C HIS B 81 2.07 -16.82 2.65
N ALA B 82 3.04 -17.31 3.41
CA ALA B 82 4.05 -16.44 3.98
C ALA B 82 5.40 -17.11 3.83
N PHE B 83 6.47 -16.33 3.95
CA PHE B 83 7.82 -16.85 3.83
C PHE B 83 8.55 -16.72 5.16
N PRO B 84 9.40 -17.70 5.49
CA PRO B 84 10.15 -17.66 6.75
C PRO B 84 11.17 -16.53 6.77
N PRO B 85 11.66 -16.18 7.98
CA PRO B 85 12.64 -15.12 8.22
C PRO B 85 13.81 -15.09 7.25
N GLY B 86 14.19 -13.88 6.83
CA GLY B 86 15.28 -13.70 5.90
C GLY B 86 15.16 -12.36 5.16
N PRO B 87 16.04 -12.09 4.20
CA PRO B 87 15.99 -10.83 3.43
C PRO B 87 15.01 -10.89 2.26
N GLY B 88 14.73 -9.74 1.68
CA GLY B 88 13.81 -9.66 0.55
C GLY B 88 12.41 -10.14 0.84
N ILE B 89 11.87 -10.97 -0.04
CA ILE B 89 10.52 -11.50 0.11
C ILE B 89 10.39 -12.41 1.34
N GLN B 90 11.52 -12.89 1.85
CA GLN B 90 11.48 -13.74 3.03
C GLN B 90 10.80 -12.97 4.15
N GLY B 91 9.97 -13.67 4.93
CA GLY B 91 9.27 -13.02 6.03
C GLY B 91 7.99 -12.32 5.63
N ASP B 92 7.71 -12.23 4.33
CA ASP B 92 6.49 -11.57 3.86
C ASP B 92 5.25 -12.46 4.02
N ALA B 93 4.09 -11.82 4.04
CA ALA B 93 2.81 -12.51 4.21
C ALA B 93 1.77 -11.98 3.22
N HIS B 94 1.32 -12.85 2.32
CA HIS B 94 0.36 -12.49 1.29
C HIS B 94 -1.00 -13.18 1.51
N PHE B 95 -2.07 -12.46 1.23
CA PHE B 95 -3.42 -12.99 1.41
C PHE B 95 -4.20 -13.01 0.09
N ASP B 96 -4.86 -14.13 -0.18
CA ASP B 96 -5.63 -14.31 -1.40
C ASP B 96 -6.91 -13.48 -1.36
N ASP B 97 -6.97 -12.40 -2.12
CA ASP B 97 -8.18 -11.59 -2.07
C ASP B 97 -9.33 -12.17 -2.88
N ASP B 98 -9.17 -13.39 -3.38
CA ASP B 98 -10.26 -14.05 -4.09
C ASP B 98 -11.12 -14.68 -3.00
N GLU B 99 -10.62 -14.71 -1.77
CA GLU B 99 -11.39 -15.24 -0.66
C GLU B 99 -12.22 -14.08 -0.13
N LEU B 100 -13.29 -14.41 0.59
CA LEU B 100 -14.11 -13.38 1.22
C LEU B 100 -13.50 -13.15 2.60
N TRP B 101 -12.93 -11.97 2.84
CA TRP B 101 -12.32 -11.69 4.14
C TRP B 101 -13.29 -10.97 5.06
N SER B 102 -13.39 -11.47 6.29
CA SER B 102 -14.27 -10.90 7.30
C SER B 102 -13.64 -11.14 8.66
N LEU B 103 -14.46 -11.11 9.71
CA LEU B 103 -14.01 -11.34 11.08
C LEU B 103 -15.15 -11.99 11.86
N GLY B 104 -14.83 -12.67 12.95
CA GLY B 104 -15.86 -13.30 13.76
C GLY B 104 -16.72 -14.35 13.07
N LYS B 105 -17.85 -14.69 13.70
CA LYS B 105 -18.77 -15.67 13.15
C LYS B 105 -19.35 -15.15 11.85
N GLY B 106 -19.88 -16.05 11.03
CA GLY B 106 -20.46 -15.62 9.78
C GLY B 106 -19.68 -16.04 8.56
N GLN B 107 -20.26 -15.74 7.39
CA GLN B 107 -19.64 -16.07 6.12
C GLN B 107 -18.29 -15.39 5.96
N GLY B 108 -17.41 -16.02 5.17
CA GLY B 108 -16.10 -15.46 4.94
C GLY B 108 -15.07 -15.99 5.92
N TYR B 109 -13.80 -15.74 5.62
CA TYR B 109 -12.68 -16.18 6.44
C TYR B 109 -12.21 -15.06 7.35
N SER B 110 -11.92 -15.39 8.61
CA SER B 110 -11.43 -14.39 9.55
C SER B 110 -10.02 -13.96 9.18
N LEU B 111 -9.86 -12.68 8.83
CA LEU B 111 -8.55 -12.16 8.48
C LEU B 111 -7.65 -12.21 9.71
N PHE B 112 -8.24 -11.98 10.88
CA PHE B 112 -7.51 -12.00 12.14
C PHE B 112 -6.87 -13.35 12.40
N LEU B 113 -7.66 -14.42 12.35
CA LEU B 113 -7.12 -15.75 12.61
C LEU B 113 -6.13 -16.17 11.54
N VAL B 114 -6.45 -15.90 10.27
CA VAL B 114 -5.56 -16.28 9.18
C VAL B 114 -4.25 -15.50 9.29
N ALA B 115 -4.34 -14.20 9.53
CA ALA B 115 -3.14 -13.38 9.66
C ALA B 115 -2.26 -13.86 10.81
N ALA B 116 -2.88 -14.23 11.92
CA ALA B 116 -2.12 -14.68 13.09
C ALA B 116 -1.31 -15.92 12.69
N HIS B 117 -1.95 -16.81 11.95
CA HIS B 117 -1.31 -18.03 11.48
C HIS B 117 -0.19 -17.69 10.51
N GLN B 118 -0.48 -16.85 9.53
CA GLN B 118 0.53 -16.46 8.55
C GLN B 118 1.73 -15.83 9.26
N PHE B 119 1.46 -14.96 10.22
CA PHE B 119 2.54 -14.30 10.95
C PHE B 119 3.39 -15.30 11.72
N GLY B 120 2.79 -16.42 12.11
CA GLY B 120 3.55 -17.45 12.80
C GLY B 120 4.62 -17.94 11.85
N HIS B 121 4.24 -18.16 10.60
CA HIS B 121 5.18 -18.62 9.56
C HIS B 121 6.27 -17.57 9.35
N ALA B 122 5.85 -16.31 9.23
CA ALA B 122 6.78 -15.21 9.00
C ALA B 122 7.78 -15.05 10.14
N LEU B 123 7.46 -15.64 11.29
CA LEU B 123 8.33 -15.56 12.45
C LEU B 123 9.18 -16.83 12.59
N GLY B 124 8.96 -17.78 11.68
CA GLY B 124 9.75 -18.99 11.70
C GLY B 124 9.05 -20.27 12.16
N LEU B 125 7.75 -20.19 12.43
CA LEU B 125 7.02 -21.38 12.87
C LEU B 125 6.46 -22.17 11.70
N ASP B 126 6.62 -23.50 11.77
CA ASP B 126 6.10 -24.37 10.75
C ASP B 126 4.77 -24.90 11.27
N HIS B 127 4.20 -25.87 10.57
CA HIS B 127 2.90 -26.43 10.96
C HIS B 127 2.94 -27.37 12.16
N SER B 128 1.92 -27.25 13.01
CA SER B 128 1.80 -28.06 14.21
C SER B 128 0.91 -29.27 13.95
N SER B 129 1.12 -30.33 14.73
CA SER B 129 0.34 -31.55 14.60
C SER B 129 -0.85 -31.52 15.56
N VAL B 130 -0.90 -30.50 16.41
CA VAL B 130 -1.98 -30.37 17.38
C VAL B 130 -3.18 -29.66 16.73
N PRO B 131 -4.26 -30.41 16.47
CA PRO B 131 -5.50 -29.93 15.85
C PRO B 131 -6.07 -28.62 16.39
N GLU B 132 -5.92 -28.40 17.70
CA GLU B 132 -6.44 -27.19 18.32
C GLU B 132 -5.46 -26.02 18.29
N ALA B 133 -4.28 -26.24 17.72
CA ALA B 133 -3.27 -25.18 17.64
C ALA B 133 -3.51 -24.22 16.49
N LEU B 134 -3.06 -22.98 16.64
CA LEU B 134 -3.22 -21.99 15.60
C LEU B 134 -2.40 -22.35 14.37
N MET B 135 -1.23 -22.96 14.59
CA MET B 135 -0.36 -23.35 13.49
C MET B 135 -0.74 -24.67 12.84
N TYR B 136 -1.92 -25.18 13.17
CA TYR B 136 -2.43 -26.42 12.57
C TYR B 136 -2.88 -25.98 11.17
N PRO B 137 -2.39 -26.65 10.11
CA PRO B 137 -2.76 -26.30 8.73
C PRO B 137 -4.20 -26.58 8.30
N MET B 138 -5.17 -25.93 8.95
CA MET B 138 -6.58 -26.11 8.60
C MET B 138 -7.39 -24.93 9.11
N TYR B 139 -8.21 -24.35 8.24
CA TYR B 139 -9.02 -23.23 8.67
C TYR B 139 -10.25 -23.72 9.42
N ARG B 140 -10.46 -23.18 10.61
CA ARG B 140 -11.61 -23.55 11.44
C ARG B 140 -11.88 -22.37 12.35
N PHE B 141 -13.04 -21.73 12.20
CA PHE B 141 -13.33 -20.63 13.08
C PHE B 141 -13.83 -21.14 14.42
N THR B 142 -13.18 -20.67 15.48
CA THR B 142 -13.53 -21.05 16.83
C THR B 142 -13.26 -19.83 17.71
N GLU B 143 -13.95 -19.73 18.84
CA GLU B 143 -13.74 -18.60 19.74
C GLU B 143 -12.66 -18.94 20.74
N GLY B 144 -12.34 -17.99 21.62
CA GLY B 144 -11.31 -18.22 22.62
C GLY B 144 -9.92 -17.78 22.21
N PRO B 145 -8.95 -17.80 23.13
CA PRO B 145 -7.58 -17.40 22.83
C PRO B 145 -7.04 -18.15 21.63
N PRO B 146 -6.61 -17.43 20.58
CA PRO B 146 -6.07 -18.08 19.39
C PRO B 146 -4.85 -18.98 19.60
N LEU B 147 -3.94 -18.57 20.47
CA LEU B 147 -2.74 -19.38 20.71
C LEU B 147 -2.97 -20.55 21.65
N HIS B 148 -2.56 -21.73 21.20
CA HIS B 148 -2.66 -22.96 21.97
C HIS B 148 -1.32 -23.08 22.71
N LYS B 149 -1.28 -23.88 23.76
CA LYS B 149 -0.03 -24.06 24.51
C LYS B 149 1.11 -24.50 23.60
N ASP B 150 0.77 -25.22 22.53
CA ASP B 150 1.78 -25.69 21.60
C ASP B 150 2.35 -24.53 20.78
N ASP B 151 1.51 -23.54 20.48
CA ASP B 151 1.93 -22.38 19.72
C ASP B 151 2.90 -21.56 20.57
N VAL B 152 2.53 -21.37 21.84
CA VAL B 152 3.36 -20.61 22.75
C VAL B 152 4.72 -21.27 22.93
N ASN B 153 4.74 -22.59 23.09
CA ASN B 153 5.99 -23.32 23.24
C ASN B 153 6.84 -23.15 21.98
N GLY B 154 6.18 -23.21 20.83
CA GLY B 154 6.88 -23.08 19.57
C GLY B 154 7.54 -21.72 19.38
N ILE B 155 6.78 -20.65 19.57
CA ILE B 155 7.33 -19.31 19.39
C ILE B 155 8.36 -18.96 20.47
N ARG B 156 8.16 -19.48 21.68
CA ARG B 156 9.10 -19.22 22.77
C ARG B 156 10.37 -20.04 22.56
N HIS B 157 10.24 -21.15 21.85
CA HIS B 157 11.37 -22.01 21.54
C HIS B 157 12.36 -21.20 20.72
N LEU B 158 11.82 -20.37 19.84
CA LEU B 158 12.64 -19.54 18.96
C LEU B 158 13.13 -18.24 19.63
N TYR B 159 12.21 -17.55 20.32
CA TYR B 159 12.56 -16.28 20.93
C TYR B 159 12.47 -16.26 22.46
ZN ZN C . 1.08 21.75 -5.45
ZN ZN D . 3.45 11.22 2.12
CA CA E . -6.50 16.64 4.08
CA CA F . 10.25 7.21 -6.68
CA CA G . -11.31 9.09 1.07
CA CA H . -15.92 16.23 -6.96
CA CA I . 4.07 13.31 -26.32
CL CL J . -12.76 15.68 -13.10
CL CL K . -9.17 13.47 -19.70
CL CL L . -5.63 -1.17 -1.79
CAA 4MR M . -5.03 22.73 -8.78
CAB 4MR M . -5.45 23.70 -9.68
CAC 4MR M . -6.73 23.63 -10.23
CAF 4MR M . -7.59 22.62 -9.87
CAE 4MR M . -7.18 21.64 -8.95
CAD 4MR M . -5.89 21.69 -8.41
OAG 4MR M . -5.44 20.62 -7.70
CAJ 4MR M . -4.72 20.86 -6.56
CAM 4MR M . -3.94 19.83 -6.07
CAL 4MR M . -3.28 19.98 -4.85
CAI 4MR M . -4.86 22.03 -5.83
CAH 4MR M . -4.21 22.17 -4.61
CAK 4MR M . -3.40 21.15 -4.12
CAY 4MR M . -2.40 21.46 -2.99
CAZ 4MR M . -1.16 22.01 -3.69
OAS 4MR M . -1.18 23.18 -4.10
NBA 4MR M . 0.03 21.27 -3.78
CBF 4MR M . 0.17 20.01 -3.19
OBG 4MR M . 1.16 19.34 -3.45
NBE 4MR M . -0.88 19.47 -2.44
CBD 4MR M . -2.08 20.17 -2.23
OBH 4MR M . -2.97 19.64 -1.55
NAX 4MR M . -2.95 22.48 -2.08
CAR 4MR M . -4.24 22.10 -1.47
CAQ 4MR M . -4.80 23.26 -0.67
CBC 4MR M . -1.98 22.90 -1.05
CBB 4MR M . -2.56 24.07 -0.23
NAW 4MR M . -3.83 23.64 0.36
CAV 4MR M . -4.37 24.57 1.35
NAU 4MR M . -5.63 24.42 1.78
CAT 4MR M . -6.07 25.01 2.88
CAN 4MR M . -5.22 25.81 3.62
CAO 4MR M . -3.92 25.98 3.15
NAP 4MR M . -3.53 25.36 2.05
ZN ZN N . 0.27 -22.57 7.35
ZN ZN O . 2.57 -14.14 -2.84
CA CA P . -7.52 -19.23 -2.73
CA CA Q . 10.57 -9.45 4.07
CA CA R . -11.70 -10.78 -1.13
CA CA S . -17.68 -12.82 10.03
CA CA T . 6.16 -9.23 25.05
CL CL U . -12.15 -13.11 14.22
CL CL V . -7.73 -9.59 19.64
CAA 4MR W . -5.51 -21.81 11.42
CAB 4MR W . -6.07 -22.37 12.57
CAC 4MR W . -7.30 -21.92 13.04
CAF 4MR W . -7.97 -20.91 12.34
CAE 4MR W . -7.41 -20.37 11.18
CAD 4MR W . -6.17 -20.80 10.73
OAG 4MR W . -5.50 -20.03 9.83
CAJ 4MR W . -5.09 -20.62 8.66
CAM 4MR W . -5.28 -21.98 8.39
CAL 4MR W . -4.79 -22.52 7.20
CAI 4MR W . -4.43 -19.84 7.72
CAH 4MR W . -3.96 -20.39 6.53
CAK 4MR W . -4.14 -21.75 6.26
CAY 4MR W . -3.31 -22.43 5.17
CAZ 4MR W . -2.05 -22.96 5.87
OAS 4MR W . -2.16 -23.93 6.63
NBA 4MR W . -0.81 -22.36 5.71
CBF 4MR W . -0.61 -21.26 4.87
OBG 4MR W . 0.44 -20.63 4.92
NBE 4MR W . -1.66 -20.79 4.07
CBD 4MR W . -2.93 -21.38 4.11
OBH 4MR W . -3.82 -20.92 3.38
NAX 4MR W . -4.05 -23.46 4.40
CAR 4MR W . -3.23 -24.59 3.96
CAQ 4MR W . -4.03 -25.48 2.99
CBC 4MR W . -5.32 -23.89 4.99
CBB 4MR W . -6.11 -24.75 4.00
NAW 4MR W . -5.27 -25.91 3.64
CAV 4MR W . -6.01 -26.92 2.87
NAU 4MR W . -7.33 -27.07 3.07
CAT 4MR W . -7.98 -28.11 2.61
CAN 4MR W . -7.31 -29.09 1.89
CAO 4MR W . -5.94 -28.92 1.68
NAP 4MR W . -5.34 -27.84 2.16
#